data_4HRV
#
_entry.id   4HRV
#
_cell.length_a   43.912
_cell.length_b   96.130
_cell.length_c   44.977
_cell.angle_alpha   90.00
_cell.angle_beta   112.82
_cell.angle_gamma   90.00
#
_symmetry.space_group_name_H-M   'P 1 21 1'
#
loop_
_entity.id
_entity.type
_entity.pdbx_description
1 polymer 'Putative lipoprotein GNA1162'
2 water water
#
_entity_poly.entity_id   1
_entity_poly.type   'polypeptide(L)'
_entity_poly.pdbx_seq_one_letter_code
;(MSE)GSDYTSFKESKPASILVVPPLNESPDVNGTWG(MSE)LASTAAPLSEAGYYVFPAAVVEETFKQNG(MSE)TNAA
DIHAVRPEKLHQIFGNDAVLYITVTEYGTSYQILDSVTTVSAKARLVDSRNGKELWSGSASIREGSNNSNSGLLG(MSE)
LVSAVVNQIANSLTSLEHHHHHH
;
_entity_poly.pdbx_strand_id   A,B
#
# COMPACT_ATOMS: atom_id res chain seq x y z
N PRO A 13 -19.13 1.58 12.66
CA PRO A 13 -18.94 2.85 11.94
C PRO A 13 -19.46 2.73 10.52
N ALA A 14 -20.69 3.18 10.29
CA ALA A 14 -21.27 3.12 8.96
C ALA A 14 -20.68 4.23 8.09
N SER A 15 -20.54 5.42 8.65
CA SER A 15 -20.16 6.58 7.88
C SER A 15 -18.86 7.22 8.33
N ILE A 16 -18.10 7.72 7.36
CA ILE A 16 -16.82 8.37 7.61
C ILE A 16 -16.78 9.80 7.02
N LEU A 17 -16.42 10.76 7.85
CA LEU A 17 -16.05 12.10 7.37
C LEU A 17 -14.54 12.19 7.13
N VAL A 18 -14.14 12.37 5.87
CA VAL A 18 -12.72 12.56 5.55
C VAL A 18 -12.39 14.06 5.50
N VAL A 19 -11.57 14.52 6.43
CA VAL A 19 -11.17 15.93 6.44
C VAL A 19 -9.96 16.13 5.51
N PRO A 20 -9.71 17.38 5.10
CA PRO A 20 -8.53 17.57 4.23
C PRO A 20 -7.27 17.14 4.97
N PRO A 21 -6.41 16.36 4.31
CA PRO A 21 -5.22 15.85 5.02
C PRO A 21 -4.22 16.94 5.36
N LEU A 22 -3.52 16.80 6.48
CA LEU A 22 -2.42 17.69 6.80
C LEU A 22 -1.23 17.38 5.90
N ASN A 23 -0.50 18.42 5.52
CA ASN A 23 0.73 18.28 4.76
C ASN A 23 1.92 18.68 5.62
N GLU A 24 2.71 17.70 6.01
CA GLU A 24 3.92 17.97 6.80
C GLU A 24 5.16 17.84 5.94
N SER A 25 5.00 18.03 4.63
CA SER A 25 6.14 17.91 3.71
C SER A 25 6.45 19.26 3.07
N PRO A 26 7.67 19.41 2.54
CA PRO A 26 8.08 20.70 1.95
C PRO A 26 7.31 21.00 0.67
N ASP A 27 6.80 19.95 0.02
CA ASP A 27 6.12 20.09 -1.26
C ASP A 27 4.64 20.45 -1.11
N VAL A 28 4.26 21.57 -1.72
CA VAL A 28 2.88 22.06 -1.70
C VAL A 28 1.87 21.02 -2.16
N ASN A 29 2.12 20.43 -3.33
CA ASN A 29 1.17 19.51 -3.95
C ASN A 29 1.14 18.13 -3.29
N GLY A 30 1.90 17.98 -2.21
CA GLY A 30 1.95 16.72 -1.48
C GLY A 30 0.60 16.11 -1.14
N THR A 31 -0.41 16.94 -0.94
CA THR A 31 -1.75 16.46 -0.62
C THR A 31 -2.75 16.69 -1.76
N TRP A 32 -2.35 17.43 -2.79
CA TRP A 32 -3.26 17.69 -3.89
C TRP A 32 -3.88 16.38 -4.43
N GLY A 33 -5.20 16.37 -4.52
CA GLY A 33 -5.94 15.26 -5.09
C GLY A 33 -6.12 14.06 -4.18
N MSE A 34 -5.52 14.11 -3.00
CA MSE A 34 -5.51 12.94 -2.14
C MSE A 34 -6.86 12.65 -1.49
O MSE A 34 -7.29 11.48 -1.41
CB MSE A 34 -4.45 13.06 -1.05
CG MSE A 34 -4.44 11.89 -0.11
SE MSE A 34 -2.98 12.03 1.15
CE MSE A 34 -3.03 13.95 1.38
N LEU A 35 -7.52 13.69 -1.01
CA LEU A 35 -8.80 13.50 -0.37
C LEU A 35 -9.70 12.76 -1.34
N ALA A 36 -9.67 13.18 -2.60
CA ALA A 36 -10.47 12.57 -3.67
C ALA A 36 -10.17 11.08 -3.87
N SER A 37 -8.90 10.71 -3.73
CA SER A 37 -8.50 9.33 -3.95
C SER A 37 -9.00 8.36 -2.87
N THR A 38 -9.48 8.88 -1.74
CA THR A 38 -9.95 8.03 -0.65
C THR A 38 -11.37 7.53 -0.84
N ALA A 39 -12.18 8.30 -1.58
CA ALA A 39 -13.59 7.99 -1.74
C ALA A 39 -13.87 6.55 -2.19
N ALA A 40 -13.23 6.12 -3.27
CA ALA A 40 -13.51 4.81 -3.86
C ALA A 40 -13.15 3.63 -2.96
N PRO A 41 -11.90 3.58 -2.47
CA PRO A 41 -11.53 2.49 -1.56
C PRO A 41 -12.45 2.38 -0.34
N LEU A 42 -12.85 3.52 0.21
CA LEU A 42 -13.72 3.49 1.39
C LEU A 42 -15.14 2.95 1.10
N SER A 43 -15.73 3.40 -0.01
CA SER A 43 -17.03 2.87 -0.41
C SER A 43 -16.97 1.37 -0.68
N GLU A 44 -15.91 0.94 -1.35
CA GLU A 44 -15.66 -0.48 -1.59
C GLU A 44 -15.65 -1.25 -0.28
N ALA A 45 -15.02 -0.68 0.74
CA ALA A 45 -14.88 -1.35 2.02
C ALA A 45 -16.17 -1.34 2.80
N GLY A 46 -17.20 -0.72 2.23
CA GLY A 46 -18.51 -0.71 2.85
C GLY A 46 -18.79 0.45 3.78
N TYR A 47 -18.05 1.55 3.62
CA TYR A 47 -18.35 2.75 4.39
C TYR A 47 -19.09 3.78 3.57
N TYR A 48 -20.01 4.50 4.21
CA TYR A 48 -20.60 5.65 3.56
C TYR A 48 -19.69 6.86 3.80
N VAL A 49 -19.20 7.42 2.71
CA VAL A 49 -18.30 8.55 2.78
C VAL A 49 -19.07 9.85 2.51
N PHE A 50 -18.93 10.84 3.38
CA PHE A 50 -19.61 12.11 3.15
C PHE A 50 -19.03 12.76 1.90
N PRO A 51 -19.91 13.26 1.01
CA PRO A 51 -19.44 13.79 -0.29
C PRO A 51 -18.59 15.05 -0.12
N ALA A 52 -17.49 15.12 -0.86
CA ALA A 52 -16.47 16.12 -0.62
C ALA A 52 -16.95 17.57 -0.78
N ALA A 53 -17.71 17.86 -1.82
CA ALA A 53 -18.12 19.23 -2.10
C ALA A 53 -18.97 19.83 -0.98
N VAL A 54 -19.85 19.00 -0.42
CA VAL A 54 -20.72 19.47 0.64
C VAL A 54 -19.90 19.74 1.88
N VAL A 55 -18.97 18.82 2.14
CA VAL A 55 -18.08 18.94 3.29
C VAL A 55 -17.23 20.20 3.19
N GLU A 56 -16.53 20.37 2.06
CA GLU A 56 -15.78 21.61 1.82
C GLU A 56 -16.63 22.85 2.08
N GLU A 57 -17.84 22.84 1.53
CA GLU A 57 -18.71 24.00 1.61
C GLU A 57 -19.13 24.27 3.05
N THR A 58 -19.36 23.19 3.80
CA THR A 58 -19.74 23.31 5.20
C THR A 58 -18.62 23.91 6.04
N PHE A 59 -17.38 23.48 5.78
CA PHE A 59 -16.24 24.06 6.49
C PHE A 59 -16.05 25.54 6.16
N LYS A 60 -16.21 25.89 4.88
CA LYS A 60 -16.07 27.27 4.45
C LYS A 60 -17.12 28.17 5.11
N GLN A 61 -18.37 27.71 5.12
CA GLN A 61 -19.43 28.48 5.75
C GLN A 61 -19.14 28.67 7.23
N ASN A 62 -18.45 27.70 7.82
CA ASN A 62 -18.07 27.81 9.23
C ASN A 62 -16.73 28.49 9.44
N GLY A 63 -16.23 29.15 8.40
CA GLY A 63 -15.00 29.91 8.50
C GLY A 63 -13.74 29.07 8.67
N MSE A 64 -13.63 27.99 7.89
CA MSE A 64 -12.43 27.16 7.90
C MSE A 64 -12.07 26.57 6.54
O MSE A 64 -12.84 25.81 5.95
CB MSE A 64 -12.56 26.03 8.92
CG MSE A 64 -12.35 26.47 10.34
SE MSE A 64 -12.22 24.98 11.58
CE MSE A 64 -12.08 25.99 13.25
N THR A 65 -10.88 26.91 6.07
CA THR A 65 -10.34 26.36 4.84
C THR A 65 -9.00 25.67 5.10
N ASN A 66 -8.35 26.06 6.19
CA ASN A 66 -7.02 25.54 6.51
C ASN A 66 -7.06 24.17 7.18
N ALA A 67 -6.22 23.26 6.69
CA ALA A 67 -6.22 21.88 7.18
C ALA A 67 -5.81 21.78 8.65
N ALA A 68 -4.76 22.48 9.04
CA ALA A 68 -4.36 22.49 10.45
C ALA A 68 -5.51 22.89 11.36
N ASP A 69 -6.30 23.89 10.95
CA ASP A 69 -7.44 24.31 11.75
C ASP A 69 -8.42 23.16 11.91
N ILE A 70 -8.75 22.53 10.80
CA ILE A 70 -9.78 21.50 10.80
C ILE A 70 -9.36 20.31 11.66
N HIS A 71 -8.09 19.94 11.57
CA HIS A 71 -7.56 18.80 12.34
C HIS A 71 -7.53 19.08 13.84
N ALA A 72 -7.63 20.36 14.20
CA ALA A 72 -7.65 20.76 15.60
C ALA A 72 -9.05 20.75 16.21
N VAL A 73 -10.09 20.77 15.37
CA VAL A 73 -11.48 20.78 15.84
C VAL A 73 -11.78 19.50 16.61
N ARG A 74 -12.44 19.60 17.75
CA ARG A 74 -12.81 18.39 18.48
C ARG A 74 -13.78 17.56 17.66
N PRO A 75 -13.56 16.23 17.62
CA PRO A 75 -14.41 15.34 16.82
C PRO A 75 -15.88 15.45 17.20
N GLU A 76 -16.15 15.79 18.45
CA GLU A 76 -17.51 15.97 18.93
C GLU A 76 -18.20 17.11 18.19
N LYS A 77 -17.48 18.20 17.98
CA LYS A 77 -18.02 19.30 17.19
C LYS A 77 -18.37 18.83 15.77
N LEU A 78 -17.46 18.08 15.13
CA LEU A 78 -17.73 17.57 13.80
C LEU A 78 -19.00 16.74 13.77
N HIS A 79 -19.20 15.92 14.80
CA HIS A 79 -20.40 15.07 14.84
C HIS A 79 -21.66 15.92 14.91
N GLN A 80 -21.57 17.03 15.64
CA GLN A 80 -22.73 17.90 15.84
C GLN A 80 -23.21 18.37 14.48
N ILE A 81 -22.26 18.58 13.57
CA ILE A 81 -22.54 19.19 12.27
C ILE A 81 -22.97 18.21 11.20
N PHE A 82 -22.23 17.11 11.06
CA PHE A 82 -22.42 16.21 9.94
C PHE A 82 -23.19 14.93 10.31
N GLY A 83 -23.10 14.51 11.57
CA GLY A 83 -23.75 13.27 11.96
C GLY A 83 -22.96 12.04 11.57
N ASN A 84 -21.69 12.22 11.23
CA ASN A 84 -20.81 11.10 10.89
C ASN A 84 -20.52 10.22 12.11
N ASP A 85 -20.44 8.92 11.90
CA ASP A 85 -20.00 8.00 12.94
C ASP A 85 -18.53 8.23 13.27
N ALA A 86 -17.73 8.52 12.24
CA ALA A 86 -16.28 8.58 12.40
C ALA A 86 -15.62 9.65 11.55
N VAL A 87 -14.36 9.93 11.86
CA VAL A 87 -13.60 10.93 11.15
C VAL A 87 -12.26 10.34 10.77
N LEU A 88 -11.89 10.48 9.50
CA LEU A 88 -10.61 9.99 9.02
C LEU A 88 -9.61 11.12 8.89
N TYR A 89 -8.52 11.03 9.66
CA TYR A 89 -7.45 12.03 9.65
C TYR A 89 -6.25 11.45 8.94
N ILE A 90 -5.80 12.13 7.89
CA ILE A 90 -4.62 11.72 7.17
C ILE A 90 -3.58 12.83 7.22
N THR A 91 -2.33 12.44 7.40
CA THR A 91 -1.20 13.35 7.34
C THR A 91 -0.12 12.80 6.40
N VAL A 92 0.31 13.61 5.43
CA VAL A 92 1.43 13.27 4.56
C VAL A 92 2.68 13.75 5.26
N THR A 93 3.60 12.85 5.54
CA THR A 93 4.79 13.19 6.28
C THR A 93 6.00 13.28 5.34
N GLU A 94 5.94 12.54 4.23
CA GLU A 94 6.98 12.67 3.22
C GLU A 94 6.43 12.82 1.80
N TYR A 95 7.07 13.68 1.02
CA TYR A 95 6.71 13.86 -0.37
C TYR A 95 7.88 14.51 -1.10
N GLY A 96 8.47 13.80 -2.05
CA GLY A 96 9.59 14.36 -2.80
C GLY A 96 10.34 13.33 -3.61
N THR A 97 11.27 13.79 -4.43
CA THR A 97 12.02 12.90 -5.32
C THR A 97 13.51 12.92 -5.01
N VAL A 105 14.41 8.91 -7.47
CA VAL A 105 13.49 8.10 -6.67
C VAL A 105 12.48 8.97 -5.92
N THR A 106 11.21 8.80 -6.26
CA THR A 106 10.14 9.53 -5.57
C THR A 106 9.64 8.74 -4.36
N THR A 107 9.47 9.43 -3.24
CA THR A 107 8.98 8.80 -2.02
C THR A 107 7.77 9.55 -1.50
N VAL A 108 6.75 8.82 -1.08
CA VAL A 108 5.63 9.42 -0.37
C VAL A 108 5.34 8.58 0.87
N SER A 109 5.13 9.25 1.99
CA SER A 109 4.79 8.57 3.24
C SER A 109 3.62 9.31 3.84
N ALA A 110 2.73 8.58 4.49
CA ALA A 110 1.56 9.18 5.11
C ALA A 110 1.07 8.29 6.24
N LYS A 111 0.36 8.88 7.19
CA LYS A 111 -0.19 8.11 8.28
C LYS A 111 -1.63 8.54 8.48
N ALA A 112 -2.41 7.68 9.12
CA ALA A 112 -3.83 7.97 9.24
C ALA A 112 -4.41 7.33 10.49
N ARG A 113 -5.51 7.92 10.97
CA ARG A 113 -6.24 7.33 12.07
C ARG A 113 -7.72 7.56 11.86
N LEU A 114 -8.51 6.56 12.20
CA LEU A 114 -9.95 6.69 12.11
C LEU A 114 -10.43 6.85 13.54
N VAL A 115 -11.21 7.89 13.79
CA VAL A 115 -11.63 8.24 15.14
C VAL A 115 -13.15 8.27 15.29
N ASP A 116 -13.65 7.63 16.35
CA ASP A 116 -15.08 7.64 16.65
C ASP A 116 -15.48 9.09 16.94
N SER A 117 -16.44 9.61 16.20
CA SER A 117 -16.71 11.04 16.23
C SER A 117 -17.48 11.47 17.49
N ARG A 118 -18.11 10.52 18.17
CA ARG A 118 -18.87 10.84 19.39
C ARG A 118 -18.01 10.96 20.65
N ASN A 119 -16.97 10.13 20.77
CA ASN A 119 -16.14 10.11 21.99
C ASN A 119 -14.66 10.37 21.73
N GLY A 120 -14.29 10.46 20.46
CA GLY A 120 -12.91 10.71 20.10
C GLY A 120 -12.02 9.49 20.26
N LYS A 121 -12.62 8.34 20.51
CA LYS A 121 -11.87 7.08 20.64
C LYS A 121 -11.26 6.68 19.31
N GLU A 122 -10.01 6.23 19.34
CA GLU A 122 -9.37 5.79 18.11
C GLU A 122 -9.88 4.40 17.69
N LEU A 123 -10.26 4.27 16.43
CA LEU A 123 -10.84 3.03 15.91
C LEU A 123 -9.83 2.25 15.08
N TRP A 124 -8.94 2.99 14.42
CA TRP A 124 -7.93 2.37 13.57
C TRP A 124 -6.79 3.33 13.33
N SER A 125 -5.61 2.77 13.15
CA SER A 125 -4.40 3.55 12.96
C SER A 125 -3.50 2.79 11.97
N GLY A 126 -2.84 3.52 11.08
CA GLY A 126 -1.97 2.89 10.10
C GLY A 126 -1.08 3.89 9.39
N SER A 127 -0.04 3.40 8.75
CA SER A 127 0.83 4.26 7.97
C SER A 127 1.48 3.49 6.83
N ALA A 128 1.93 4.24 5.82
CA ALA A 128 2.51 3.63 4.63
C ALA A 128 3.60 4.52 4.07
N SER A 129 4.71 3.91 3.65
CA SER A 129 5.72 4.66 2.95
C SER A 129 6.09 3.90 1.69
N ILE A 130 6.05 4.59 0.56
CA ILE A 130 6.21 3.96 -0.76
C ILE A 130 7.19 4.74 -1.62
N ARG A 131 8.07 4.00 -2.30
CA ARG A 131 9.13 4.58 -3.08
C ARG A 131 9.16 3.93 -4.46
N GLU A 132 9.52 4.72 -5.46
CA GLU A 132 9.61 4.24 -6.83
C GLU A 132 10.76 4.95 -7.51
N GLY A 133 11.62 4.17 -8.17
CA GLY A 133 12.77 4.74 -8.85
C GLY A 133 12.31 5.77 -9.86
N SER A 134 12.83 6.98 -9.73
CA SER A 134 12.50 8.08 -10.64
C SER A 134 12.77 7.69 -12.09
N ASN A 135 13.83 6.91 -12.31
CA ASN A 135 14.19 6.42 -13.63
C ASN A 135 12.99 5.89 -14.42
N ASN A 136 12.11 5.16 -13.75
CA ASN A 136 10.87 4.70 -14.38
C ASN A 136 9.65 4.85 -13.46
N SER A 137 8.51 5.21 -14.04
CA SER A 137 7.30 5.42 -13.25
C SER A 137 6.16 4.50 -13.66
N ASN A 138 5.67 3.70 -12.73
CA ASN A 138 4.56 2.80 -13.01
C ASN A 138 3.74 2.42 -11.78
N SER A 139 2.54 3.03 -11.69
CA SER A 139 1.60 2.70 -10.63
C SER A 139 1.03 1.29 -10.77
N GLY A 140 1.11 0.72 -11.97
CA GLY A 140 0.70 -0.66 -12.19
C GLY A 140 1.51 -1.58 -11.29
N LEU A 141 2.82 -1.55 -11.50
CA LEU A 141 3.72 -2.36 -10.71
C LEU A 141 3.76 -1.92 -9.24
N LEU A 142 3.73 -0.61 -9.01
CA LEU A 142 3.68 -0.12 -7.64
C LEU A 142 2.42 -0.63 -6.94
N GLY A 143 1.31 -0.67 -7.67
CA GLY A 143 0.06 -1.15 -7.13
C GLY A 143 0.15 -2.61 -6.75
N MSE A 144 0.80 -3.40 -7.60
CA MSE A 144 0.95 -4.82 -7.35
C MSE A 144 1.76 -5.06 -6.09
O MSE A 144 1.43 -5.93 -5.29
CB MSE A 144 1.61 -5.52 -8.54
CG MSE A 144 2.10 -6.93 -8.25
SE MSE A 144 3.85 -6.93 -7.34
CE MSE A 144 4.88 -5.88 -8.65
N LEU A 145 2.82 -4.27 -5.91
CA LEU A 145 3.67 -4.40 -4.73
C LEU A 145 2.93 -4.05 -3.44
N VAL A 146 2.28 -2.88 -3.38
CA VAL A 146 1.56 -2.53 -2.15
C VAL A 146 0.43 -3.50 -1.85
N SER A 147 -0.26 -3.94 -2.88
CA SER A 147 -1.31 -4.94 -2.71
C SER A 147 -0.78 -6.24 -2.09
N ALA A 148 0.39 -6.66 -2.55
CA ALA A 148 1.01 -7.87 -2.04
C ALA A 148 1.38 -7.68 -0.58
N VAL A 149 1.88 -6.50 -0.24
CA VAL A 149 2.25 -6.22 1.15
C VAL A 149 1.02 -6.19 2.06
N VAL A 150 -0.07 -5.57 1.58
CA VAL A 150 -1.31 -5.55 2.34
C VAL A 150 -1.91 -6.95 2.50
N ASN A 151 -1.82 -7.77 1.44
CA ASN A 151 -2.24 -9.15 1.52
C ASN A 151 -1.51 -9.90 2.62
N GLN A 152 -0.20 -9.69 2.69
CA GLN A 152 0.60 -10.33 3.73
C GLN A 152 0.16 -9.93 5.15
N ILE A 153 -0.15 -8.65 5.34
CA ILE A 153 -0.55 -8.20 6.67
C ILE A 153 -1.93 -8.74 7.05
N ALA A 154 -2.82 -8.80 6.06
CA ALA A 154 -4.17 -9.30 6.31
C ALA A 154 -4.14 -10.75 6.79
N ASN A 155 -3.11 -11.48 6.39
CA ASN A 155 -3.00 -12.88 6.78
C ASN A 155 -2.13 -13.16 8.00
N SER A 156 -1.44 -12.13 8.50
CA SER A 156 -0.56 -12.31 9.65
C SER A 156 -1.34 -12.72 10.90
N LEU A 157 -0.67 -12.68 12.05
CA LEU A 157 -1.30 -13.03 13.33
C LEU A 157 -2.34 -12.00 13.77
N THR A 158 -3.03 -11.39 12.81
CA THR A 158 -4.14 -10.47 13.09
C THR A 158 -5.16 -10.51 11.96
N PRO B 13 7.42 -4.63 -21.67
CA PRO B 13 7.34 -6.04 -21.29
C PRO B 13 5.89 -6.51 -21.17
N ALA B 14 5.53 -7.59 -21.86
CA ALA B 14 4.17 -8.13 -21.78
C ALA B 14 4.09 -9.28 -20.78
N SER B 15 4.94 -10.29 -20.95
CA SER B 15 4.91 -11.46 -20.06
C SER B 15 5.90 -11.37 -18.89
N ILE B 16 5.39 -11.62 -17.69
CA ILE B 16 6.19 -11.46 -16.49
C ILE B 16 6.22 -12.72 -15.67
N LEU B 17 7.44 -13.22 -15.44
CA LEU B 17 7.68 -14.31 -14.50
C LEU B 17 7.89 -13.74 -13.09
N VAL B 18 7.01 -14.10 -12.18
CA VAL B 18 7.23 -13.79 -10.78
C VAL B 18 7.83 -14.99 -10.09
N VAL B 19 9.05 -14.84 -9.61
CA VAL B 19 9.71 -15.94 -8.93
C VAL B 19 9.34 -15.89 -7.44
N PRO B 20 9.43 -17.03 -6.76
CA PRO B 20 9.16 -17.06 -5.31
C PRO B 20 9.93 -15.95 -4.61
N PRO B 21 9.22 -15.13 -3.82
CA PRO B 21 9.89 -14.00 -3.18
C PRO B 21 10.92 -14.45 -2.14
N LEU B 22 11.99 -13.66 -2.01
CA LEU B 22 13.01 -13.90 -1.01
C LEU B 22 12.49 -13.40 0.33
N ASN B 23 12.75 -14.17 1.38
CA ASN B 23 12.36 -13.75 2.72
C ASN B 23 13.61 -13.35 3.50
N GLU B 24 13.75 -12.05 3.76
CA GLU B 24 14.87 -11.56 4.54
C GLU B 24 14.42 -11.06 5.91
N SER B 25 13.35 -11.66 6.41
CA SER B 25 12.87 -11.36 7.76
C SER B 25 12.99 -12.59 8.65
N PRO B 26 13.00 -12.38 9.97
CA PRO B 26 13.09 -13.48 10.94
C PRO B 26 11.87 -14.40 10.89
N ASP B 27 10.75 -13.90 10.36
CA ASP B 27 9.49 -14.64 10.35
C ASP B 27 9.36 -15.50 9.09
N VAL B 28 9.16 -16.80 9.28
CA VAL B 28 9.08 -17.75 8.19
C VAL B 28 7.80 -17.60 7.37
N ASN B 29 6.75 -17.09 8.00
CA ASN B 29 5.49 -16.86 7.31
C ASN B 29 5.50 -15.57 6.48
N GLY B 30 6.61 -14.83 6.53
CA GLY B 30 6.73 -13.56 5.86
C GLY B 30 6.35 -13.54 4.38
N THR B 31 6.52 -14.67 3.69
CA THR B 31 6.21 -14.70 2.26
C THR B 31 5.13 -15.73 1.91
N TRP B 32 4.55 -16.39 2.91
CA TRP B 32 3.51 -17.37 2.63
C TRP B 32 2.37 -16.74 1.84
N GLY B 33 2.07 -17.32 0.68
CA GLY B 33 0.94 -16.91 -0.15
C GLY B 33 1.18 -15.63 -0.94
N MSE B 34 2.33 -15.03 -0.77
CA MSE B 34 2.59 -13.76 -1.45
C MSE B 34 2.63 -13.89 -2.97
O MSE B 34 2.07 -13.07 -3.70
CB MSE B 34 3.87 -13.12 -0.92
CG MSE B 34 4.23 -11.85 -1.62
SE MSE B 34 5.69 -10.94 -0.72
CE MSE B 34 4.75 -9.31 -0.20
N LEU B 35 3.31 -14.95 -3.46
CA LEU B 35 3.41 -15.19 -4.90
C LEU B 35 2.03 -15.17 -5.55
N ALA B 36 1.10 -15.92 -4.97
CA ALA B 36 -0.29 -15.94 -5.44
C ALA B 36 -0.95 -14.56 -5.48
N SER B 37 -0.65 -13.73 -4.49
CA SER B 37 -1.30 -12.42 -4.40
C SER B 37 -0.93 -11.46 -5.53
N THR B 38 0.09 -11.80 -6.33
CA THR B 38 0.56 -10.84 -7.31
C THR B 38 -0.17 -11.01 -8.64
N ALA B 39 -0.87 -12.12 -8.81
CA ALA B 39 -1.51 -12.40 -10.10
C ALA B 39 -2.59 -11.39 -10.48
N ALA B 40 -3.54 -11.12 -9.59
CA ALA B 40 -4.66 -10.24 -9.93
C ALA B 40 -4.21 -8.83 -10.30
N PRO B 41 -3.43 -8.18 -9.42
CA PRO B 41 -2.98 -6.84 -9.78
C PRO B 41 -2.15 -6.76 -11.07
N LEU B 42 -1.32 -7.77 -11.34
CA LEU B 42 -0.53 -7.76 -12.57
C LEU B 42 -1.40 -7.94 -13.82
N SER B 43 -2.37 -8.83 -13.76
CA SER B 43 -3.25 -9.04 -14.90
C SER B 43 -4.17 -7.82 -15.06
N GLU B 44 -4.63 -7.27 -13.95
CA GLU B 44 -5.48 -6.09 -13.99
C GLU B 44 -4.72 -4.90 -14.57
N ALA B 45 -3.39 -4.94 -14.50
CA ALA B 45 -2.56 -3.89 -15.10
C ALA B 45 -2.19 -4.20 -16.54
N GLY B 46 -2.66 -5.34 -17.04
CA GLY B 46 -2.46 -5.68 -18.44
C GLY B 46 -1.29 -6.59 -18.81
N TYR B 47 -0.51 -7.03 -17.82
CA TYR B 47 0.58 -7.97 -18.08
C TYR B 47 0.08 -9.41 -18.14
N TYR B 48 0.83 -10.26 -18.83
CA TYR B 48 0.53 -11.68 -18.84
C TYR B 48 1.40 -12.39 -17.81
N VAL B 49 0.81 -13.22 -16.98
CA VAL B 49 1.55 -13.91 -15.92
C VAL B 49 1.14 -15.37 -15.76
N PHE B 50 2.05 -16.20 -15.28
CA PHE B 50 1.82 -17.62 -15.00
C PHE B 50 1.23 -17.80 -13.60
N PRO B 51 0.36 -18.81 -13.42
CA PRO B 51 -0.15 -19.08 -12.06
C PRO B 51 0.99 -19.51 -11.15
N ALA B 52 0.85 -19.24 -9.86
CA ALA B 52 1.89 -19.57 -8.91
C ALA B 52 2.15 -21.07 -8.86
N ALA B 53 1.10 -21.88 -8.94
CA ALA B 53 1.26 -23.32 -8.85
C ALA B 53 2.07 -23.87 -10.02
N VAL B 54 1.92 -23.26 -11.18
CA VAL B 54 2.62 -23.69 -12.37
C VAL B 54 4.10 -23.36 -12.26
N VAL B 55 4.41 -22.15 -11.83
CA VAL B 55 5.78 -21.71 -11.66
C VAL B 55 6.50 -22.57 -10.61
N GLU B 56 5.88 -22.73 -9.45
CA GLU B 56 6.48 -23.50 -8.36
C GLU B 56 6.80 -24.90 -8.82
N GLU B 57 5.90 -25.51 -9.57
CA GLU B 57 6.09 -26.88 -10.01
C GLU B 57 7.22 -27.01 -11.04
N THR B 58 7.34 -26.02 -11.92
CA THR B 58 8.43 -26.05 -12.90
C THR B 58 9.79 -25.93 -12.22
N PHE B 59 9.90 -25.08 -11.22
CA PHE B 59 11.15 -24.99 -10.47
C PHE B 59 11.45 -26.31 -9.75
N LYS B 60 10.42 -26.90 -9.15
CA LYS B 60 10.59 -28.16 -8.46
C LYS B 60 11.12 -29.23 -9.41
N GLN B 61 10.54 -29.31 -10.60
CA GLN B 61 10.97 -30.29 -11.57
C GLN B 61 12.40 -30.02 -12.04
N ASN B 62 12.81 -28.76 -11.97
CA ASN B 62 14.17 -28.41 -12.34
C ASN B 62 15.12 -28.42 -11.15
N GLY B 63 14.73 -29.12 -10.09
CA GLY B 63 15.59 -29.27 -8.93
C GLY B 63 15.62 -28.11 -7.95
N MSE B 64 14.83 -27.07 -8.17
CA MSE B 64 14.89 -25.88 -7.30
C MSE B 64 13.62 -25.59 -6.52
O MSE B 64 12.52 -25.59 -7.08
CB MSE B 64 15.29 -24.64 -8.10
CG MSE B 64 16.74 -24.59 -8.51
SE MSE B 64 17.34 -22.78 -8.96
CE MSE B 64 19.16 -23.23 -9.52
N THR B 65 13.76 -25.31 -5.24
CA THR B 65 12.61 -24.89 -4.44
C THR B 65 12.94 -23.70 -3.53
N ASN B 66 14.21 -23.55 -3.20
CA ASN B 66 14.67 -22.49 -2.33
C ASN B 66 14.71 -21.15 -3.06
N ALA B 67 14.11 -20.14 -2.45
CA ALA B 67 13.99 -18.85 -3.13
C ALA B 67 15.36 -18.21 -3.39
N ALA B 68 16.30 -18.38 -2.47
CA ALA B 68 17.62 -17.78 -2.65
C ALA B 68 18.32 -18.40 -3.86
N ASP B 69 18.13 -19.70 -4.06
CA ASP B 69 18.71 -20.33 -5.24
C ASP B 69 18.10 -19.67 -6.48
N ILE B 70 16.79 -19.51 -6.46
CA ILE B 70 16.08 -19.03 -7.65
C ILE B 70 16.47 -17.60 -8.04
N HIS B 71 16.52 -16.71 -7.06
CA HIS B 71 16.91 -15.33 -7.27
C HIS B 71 18.35 -15.19 -7.75
N ALA B 72 19.12 -16.27 -7.63
CA ALA B 72 20.52 -16.30 -8.05
C ALA B 72 20.70 -16.74 -9.51
N VAL B 73 19.69 -17.39 -10.07
CA VAL B 73 19.76 -17.88 -11.44
C VAL B 73 19.84 -16.70 -12.39
N ARG B 74 20.68 -16.78 -13.41
CA ARG B 74 20.71 -15.70 -14.40
C ARG B 74 19.36 -15.60 -15.12
N PRO B 75 18.87 -14.37 -15.31
CA PRO B 75 17.56 -14.20 -15.94
C PRO B 75 17.48 -14.85 -17.30
N GLU B 76 18.57 -14.83 -18.05
CA GLU B 76 18.58 -15.43 -19.38
C GLU B 76 18.27 -16.93 -19.31
N LYS B 77 18.69 -17.58 -18.24
CA LYS B 77 18.38 -18.98 -18.02
C LYS B 77 16.87 -19.15 -17.77
N LEU B 78 16.31 -18.27 -16.95
CA LEU B 78 14.87 -18.28 -16.71
C LEU B 78 14.12 -18.17 -18.02
N HIS B 79 14.56 -17.25 -18.89
CA HIS B 79 13.93 -17.08 -20.19
C HIS B 79 14.00 -18.36 -21.04
N GLN B 80 15.12 -19.08 -20.96
CA GLN B 80 15.27 -20.35 -21.66
C GLN B 80 14.20 -21.34 -21.22
N ILE B 81 13.78 -21.26 -19.96
CA ILE B 81 12.79 -22.20 -19.44
C ILE B 81 11.36 -21.78 -19.74
N PHE B 82 11.04 -20.52 -19.44
CA PHE B 82 9.67 -20.07 -19.46
C PHE B 82 9.28 -19.24 -20.71
N GLY B 83 10.24 -18.66 -21.39
CA GLY B 83 9.94 -17.79 -22.52
C GLY B 83 9.41 -16.42 -22.12
N ASN B 84 9.58 -16.06 -20.86
CA ASN B 84 9.14 -14.77 -20.33
C ASN B 84 9.95 -13.55 -20.81
N ASP B 85 9.29 -12.42 -21.00
CA ASP B 85 9.99 -11.18 -21.34
C ASP B 85 10.72 -10.59 -20.13
N ALA B 86 10.13 -10.69 -18.95
CA ALA B 86 10.72 -10.06 -17.78
C ALA B 86 10.57 -10.91 -16.55
N VAL B 87 11.38 -10.63 -15.53
CA VAL B 87 11.31 -11.36 -14.28
C VAL B 87 11.08 -10.36 -13.18
N LEU B 88 10.15 -10.69 -12.30
CA LEU B 88 9.86 -9.85 -11.15
C LEU B 88 10.43 -10.47 -9.89
N TYR B 89 11.34 -9.74 -9.25
CA TYR B 89 11.95 -10.20 -8.01
C TYR B 89 11.39 -9.42 -6.82
N ILE B 90 10.82 -10.12 -5.86
CA ILE B 90 10.33 -9.47 -4.64
C ILE B 90 11.12 -9.96 -3.44
N THR B 91 11.47 -9.03 -2.55
CA THR B 91 12.12 -9.35 -1.29
C THR B 91 11.37 -8.71 -0.12
N VAL B 92 10.97 -9.54 0.84
CA VAL B 92 10.40 -9.04 2.09
C VAL B 92 11.55 -8.76 3.06
N THR B 93 11.69 -7.49 3.45
CA THR B 93 12.81 -7.07 4.29
C THR B 93 12.39 -6.91 5.74
N GLU B 94 11.09 -6.74 5.97
CA GLU B 94 10.58 -6.70 7.33
C GLU B 94 9.23 -7.39 7.47
N TYR B 95 9.03 -8.09 8.58
CA TYR B 95 7.76 -8.75 8.84
C TYR B 95 7.65 -9.10 10.30
N GLY B 96 6.71 -8.49 11.00
CA GLY B 96 6.53 -8.83 12.39
C GLY B 96 5.77 -7.79 13.16
N THR B 97 5.79 -7.94 14.48
CA THR B 97 5.04 -7.06 15.36
C THR B 97 5.90 -6.66 16.54
N SER B 98 6.01 -5.35 16.76
CA SER B 98 6.63 -4.83 17.96
C SER B 98 5.61 -4.93 19.07
N TYR B 99 5.85 -5.82 20.03
CA TYR B 99 4.90 -6.04 21.11
C TYR B 99 5.12 -5.05 22.25
N GLN B 100 4.25 -4.05 22.31
CA GLN B 100 4.32 -3.06 23.36
C GLN B 100 3.09 -3.21 24.26
N ILE B 101 3.10 -2.53 25.39
CA ILE B 101 2.07 -2.73 26.40
C ILE B 101 0.69 -2.31 25.92
N LEU B 102 0.56 -1.10 25.38
CA LEU B 102 -0.74 -0.52 25.09
C LEU B 102 -1.25 -0.92 23.72
N ASP B 103 -0.35 -1.53 22.94
CA ASP B 103 -0.68 -2.04 21.62
C ASP B 103 0.57 -2.56 20.93
N SER B 104 0.37 -3.52 20.03
CA SER B 104 1.45 -4.01 19.19
C SER B 104 1.27 -3.43 17.79
N VAL B 105 2.36 -3.15 17.11
CA VAL B 105 2.28 -2.56 15.79
C VAL B 105 2.88 -3.54 14.81
N THR B 106 2.13 -3.90 13.78
CA THR B 106 2.67 -4.83 12.78
C THR B 106 3.20 -4.06 11.58
N THR B 107 4.38 -4.47 11.13
CA THR B 107 5.05 -3.81 10.03
C THR B 107 5.43 -4.85 8.99
N VAL B 108 5.14 -4.57 7.73
CA VAL B 108 5.65 -5.37 6.62
C VAL B 108 6.29 -4.42 5.61
N SER B 109 7.50 -4.74 5.17
CA SER B 109 8.17 -3.95 4.17
C SER B 109 8.75 -4.90 3.13
N ALA B 110 8.66 -4.50 1.87
CA ALA B 110 9.14 -5.30 0.76
C ALA B 110 9.67 -4.38 -0.32
N LYS B 111 10.57 -4.91 -1.13
CA LYS B 111 11.13 -4.16 -2.22
C LYS B 111 11.09 -5.08 -3.43
N ALA B 112 11.05 -4.50 -4.62
CA ALA B 112 10.93 -5.32 -5.82
C ALA B 112 11.62 -4.65 -6.99
N ARG B 113 12.03 -5.47 -7.96
CA ARG B 113 12.56 -4.94 -9.19
C ARG B 113 12.11 -5.81 -10.36
N LEU B 114 11.82 -5.17 -11.49
CA LEU B 114 11.43 -5.89 -12.69
C LEU B 114 12.61 -5.86 -13.67
N VAL B 115 13.07 -7.01 -14.13
CA VAL B 115 14.19 -7.01 -15.05
C VAL B 115 13.89 -7.70 -16.38
N ASP B 116 14.44 -7.13 -17.43
CA ASP B 116 14.35 -7.71 -18.77
C ASP B 116 15.05 -9.07 -18.73
N SER B 117 14.34 -10.12 -19.13
CA SER B 117 14.85 -11.47 -18.93
C SER B 117 15.89 -11.83 -19.98
N ARG B 118 15.96 -11.06 -21.06
CA ARG B 118 16.92 -11.31 -22.13
C ARG B 118 18.31 -10.70 -21.87
N ASN B 119 18.37 -9.54 -21.20
CA ASN B 119 19.66 -8.90 -20.99
C ASN B 119 19.93 -8.43 -19.56
N GLY B 120 18.99 -8.72 -18.67
CA GLY B 120 19.19 -8.45 -17.27
C GLY B 120 19.02 -6.98 -16.93
N LYS B 121 18.56 -6.17 -17.88
CA LYS B 121 18.38 -4.74 -17.61
C LYS B 121 17.19 -4.51 -16.69
N GLU B 122 17.37 -3.61 -15.74
CA GLU B 122 16.29 -3.28 -14.82
C GLU B 122 15.28 -2.36 -15.50
N LEU B 123 14.00 -2.73 -15.43
CA LEU B 123 12.95 -1.98 -16.09
C LEU B 123 12.14 -1.13 -15.10
N TRP B 124 12.13 -1.55 -13.84
CA TRP B 124 11.35 -0.87 -12.81
C TRP B 124 11.82 -1.30 -11.44
N SER B 125 11.71 -0.43 -10.46
CA SER B 125 11.93 -0.83 -9.06
C SER B 125 11.13 0.04 -8.08
N GLY B 126 10.71 -0.58 -6.98
CA GLY B 126 9.95 0.10 -5.96
C GLY B 126 10.05 -0.61 -4.63
N SER B 127 9.52 0.02 -3.59
CA SER B 127 9.46 -0.60 -2.28
C SER B 127 8.32 -0.02 -1.48
N ALA B 128 7.88 -0.76 -0.47
CA ALA B 128 6.73 -0.36 0.32
C ALA B 128 6.93 -0.86 1.73
N SER B 129 6.61 0.00 2.68
CA SER B 129 6.66 -0.39 4.07
C SER B 129 5.37 0.09 4.69
N ILE B 130 4.62 -0.85 5.27
CA ILE B 130 3.28 -0.57 5.73
C ILE B 130 3.13 -1.05 7.16
N ARG B 131 2.52 -0.21 7.99
CA ARG B 131 2.41 -0.47 9.41
C ARG B 131 0.98 -0.28 9.86
N GLU B 132 0.60 -1.05 10.87
CA GLU B 132 -0.77 -0.99 11.35
C GLU B 132 -0.81 -1.32 12.84
N GLY B 133 -1.63 -0.59 13.57
CA GLY B 133 -1.86 -0.90 14.97
C GLY B 133 -2.50 -2.27 15.08
N SER B 134 -1.91 -3.13 15.91
CA SER B 134 -2.38 -4.52 16.04
C SER B 134 -3.74 -4.61 16.75
N ASN B 135 -3.98 -3.71 17.69
CA ASN B 135 -5.23 -3.71 18.45
C ASN B 135 -6.48 -3.59 17.58
N ASN B 136 -6.39 -2.91 16.44
CA ASN B 136 -7.56 -2.74 15.57
C ASN B 136 -7.30 -2.99 14.08
N SER B 137 -6.73 -4.15 13.75
CA SER B 137 -6.40 -4.49 12.37
C SER B 137 -7.60 -4.35 11.44
N ASN B 138 -7.33 -3.87 10.22
CA ASN B 138 -8.38 -3.61 9.23
C ASN B 138 -7.79 -3.44 7.82
N SER B 139 -7.91 -4.49 7.01
CA SER B 139 -7.36 -4.49 5.65
C SER B 139 -7.99 -3.44 4.76
N GLY B 140 -9.29 -3.19 4.97
CA GLY B 140 -10.01 -2.20 4.19
C GLY B 140 -9.39 -0.82 4.30
N LEU B 141 -9.20 -0.36 5.54
CA LEU B 141 -8.59 0.93 5.79
C LEU B 141 -7.12 1.00 5.37
N LEU B 142 -6.35 -0.06 5.63
CA LEU B 142 -4.96 -0.09 5.19
C LEU B 142 -4.90 -0.05 3.68
N GLY B 143 -5.84 -0.75 3.06
CA GLY B 143 -5.98 -0.72 1.61
C GLY B 143 -6.21 0.68 1.08
N MSE B 144 -7.15 1.40 1.70
CA MSE B 144 -7.45 2.74 1.22
C MSE B 144 -6.28 3.68 1.42
O MSE B 144 -6.03 4.54 0.59
CB MSE B 144 -8.73 3.33 1.86
CG MSE B 144 -8.53 4.04 3.16
SE MSE B 144 -7.78 5.86 3.08
CE MSE B 144 -7.24 5.94 4.97
N LEU B 145 -5.55 3.51 2.52
CA LEU B 145 -4.35 4.32 2.73
C LEU B 145 -3.24 4.06 1.70
N VAL B 146 -2.90 2.80 1.44
CA VAL B 146 -1.85 2.54 0.48
C VAL B 146 -2.33 3.01 -0.87
N SER B 147 -3.62 2.88 -1.10
CA SER B 147 -4.20 3.24 -2.39
C SER B 147 -4.07 4.74 -2.61
N ALA B 148 -4.31 5.49 -1.55
CA ALA B 148 -4.20 6.94 -1.59
C ALA B 148 -2.75 7.35 -1.84
N VAL B 149 -1.82 6.65 -1.20
CA VAL B 149 -0.43 7.03 -1.33
C VAL B 149 0.06 6.74 -2.76
N VAL B 150 -0.37 5.63 -3.33
CA VAL B 150 0.03 5.32 -4.71
C VAL B 150 -0.56 6.33 -5.68
N ASN B 151 -1.77 6.81 -5.39
CA ASN B 151 -2.38 7.84 -6.22
C ASN B 151 -1.54 9.11 -6.21
N GLN B 152 -1.05 9.50 -5.04
CA GLN B 152 -0.19 10.67 -4.96
C GLN B 152 1.09 10.50 -5.78
N ILE B 153 1.66 9.30 -5.76
CA ILE B 153 2.88 9.06 -6.54
C ILE B 153 2.53 9.12 -8.03
N ALA B 154 1.40 8.53 -8.40
CA ALA B 154 0.97 8.51 -9.79
C ALA B 154 0.81 9.92 -10.37
N ASN B 155 0.27 10.85 -9.58
CA ASN B 155 0.00 12.19 -10.06
C ASN B 155 1.11 13.19 -9.74
N SER B 156 2.34 12.72 -9.76
CA SER B 156 3.50 13.58 -9.51
C SER B 156 4.42 13.62 -10.73
#